data_1KLU
#
_entry.id   1KLU
#
_cell.length_a   171.296
_cell.length_b   171.296
_cell.length_c   121.024
_cell.angle_alpha   90.00
_cell.angle_beta   90.00
_cell.angle_gamma   120.00
#
_symmetry.space_group_name_H-M   'H 3'
#
loop_
_entity.id
_entity.type
_entity.pdbx_description
1 polymer 'HLA CLASS II HISTOCOMPATIBILITY ANTIGEN, DR ALPHA CHAIN'
2 polymer 'HLA CLASS II HISTOCOMPATIBILITY ANTIGEN, DR-1 BETA CHAIN'
3 polymer 'Triosephosphate isomerase peptide'
4 polymer 'ENTEROTOXIN TYPE C-3'
5 water water
#
loop_
_entity_poly.entity_id
_entity_poly.type
_entity_poly.pdbx_seq_one_letter_code
_entity_poly.pdbx_strand_id
1 'polypeptide(L)'
;EHVIIQAEFYLNPDQSGEFMFDFDGDEIFHVDMAKKETVWRLEEFGRFASFEAQGALANIAVDKANLEIMTKRSNYTPIT
NVPPEVTVLTNSPVELREPNVLICFIDKFTPPVVNVTWLRNGKPVTTGVSETVFLPREDHLFRKFHYLPFLPSTEDVYDC
RVEHWGLDEPLLKHWEFDA
;
A
2 'polypeptide(L)'
;GDTRPRFLWQLKFECHFFNGTERVRLLERCIYNQEESVRFDSDVGEYRAVTELGRPDAEYWNSQKDLLEQRRAAVDTYCR
HNYGVGESFTVQRRVEPKVTVYPSKTQPLQHHNLLVCSVSGFYPGSIEVRWFRNGQEEKAGVVSTGLIQNGDWTFQTLVM
LETVPRSGEVYTCQVEHPSVTSPLTVEWRA
;
B
3 'polypeptide(L)' GELIGTLNAAKVPAD C
4 'polypeptide(L)'
;ESQPDPMPDDLHKSSEFTGTMGNMKYLYDDHYVSATKVKSVDSFFKWDLIYNISDKKLKNYDKVKTELLNEDLAKKYKDE
VVDVYGSNYYVNCYFSSKDNVGKVTGGKTCMYGGITKHEGNHFDNGNLQNVLVRVYENKRNTISFEVQTDKKSVTAQELD
IKARNFLINKKNLYEFNSSPYETGYIKFIENNGNTFWYDMMPAPGDKFDQSKYLMMYNDNKTVDSKSVKIEVHLTTKNG
;
D
#
# COMPACT_ATOMS: atom_id res chain seq x y z
N GLU A 1 -25.68 9.40 -4.22
CA GLU A 1 -24.75 10.33 -4.92
C GLU A 1 -23.28 10.13 -4.57
N HIS A 2 -22.99 9.33 -3.55
CA HIS A 2 -21.60 9.07 -3.17
C HIS A 2 -21.35 7.69 -2.59
N VAL A 3 -20.17 7.13 -2.90
CA VAL A 3 -19.80 5.81 -2.40
C VAL A 3 -18.35 5.76 -1.94
N ILE A 4 -18.16 5.31 -0.71
CA ILE A 4 -16.83 5.18 -0.14
C ILE A 4 -16.63 3.68 0.06
N ILE A 5 -15.54 3.16 -0.47
CA ILE A 5 -15.26 1.74 -0.37
C ILE A 5 -13.91 1.39 0.27
N GLN A 6 -13.96 0.50 1.24
CA GLN A 6 -12.76 -0.01 1.87
C GLN A 6 -12.61 -1.34 1.13
N ALA A 7 -11.64 -1.44 0.23
CA ALA A 7 -11.47 -2.67 -0.54
C ALA A 7 -10.19 -3.42 -0.20
N GLU A 8 -10.32 -4.74 -0.05
CA GLU A 8 -9.20 -5.59 0.30
C GLU A 8 -9.12 -6.84 -0.56
N PHE A 9 -7.92 -7.41 -0.66
CA PHE A 9 -7.76 -8.66 -1.38
C PHE A 9 -6.47 -9.34 -1.04
N TYR A 10 -6.47 -10.66 -1.14
CA TYR A 10 -5.28 -11.45 -0.92
C TYR A 10 -5.31 -12.47 -2.04
N LEU A 11 -4.17 -12.65 -2.70
CA LEU A 11 -4.06 -13.58 -3.81
C LEU A 11 -2.96 -14.61 -3.61
N ASN A 12 -3.32 -15.89 -3.79
CA ASN A 12 -2.38 -16.99 -3.69
C ASN A 12 -2.22 -17.53 -5.10
N PRO A 13 -1.03 -18.10 -5.42
CA PRO A 13 0.11 -18.26 -4.53
C PRO A 13 1.09 -17.07 -4.57
N ASP A 14 0.68 -15.97 -5.21
CA ASP A 14 1.55 -14.80 -5.30
C ASP A 14 1.83 -14.11 -3.98
N GLN A 15 0.95 -14.33 -3.01
CA GLN A 15 1.07 -13.70 -1.69
C GLN A 15 0.87 -12.20 -1.82
N SER A 16 -0.01 -11.80 -2.74
CA SER A 16 -0.32 -10.39 -2.95
C SER A 16 -1.44 -10.00 -2.00
N GLY A 17 -1.30 -8.83 -1.40
CA GLY A 17 -2.32 -8.33 -0.49
C GLY A 17 -2.47 -6.84 -0.70
N GLU A 18 -3.70 -6.34 -0.58
CA GLU A 18 -3.93 -4.91 -0.76
C GLU A 18 -5.08 -4.45 0.13
N PHE A 19 -4.97 -3.21 0.60
CA PHE A 19 -6.00 -2.59 1.45
C PHE A 19 -6.05 -1.14 1.00
N MET A 20 -7.21 -0.69 0.55
CA MET A 20 -7.34 0.69 0.07
C MET A 20 -8.72 1.26 0.29
N PHE A 21 -8.80 2.58 0.27
CA PHE A 21 -10.07 3.27 0.40
C PHE A 21 -10.30 3.97 -0.93
N ASP A 22 -11.56 3.95 -1.36
CA ASP A 22 -12.00 4.50 -2.62
C ASP A 22 -13.16 5.49 -2.41
N PHE A 23 -13.17 6.57 -3.19
CA PHE A 23 -14.24 7.55 -3.10
C PHE A 23 -14.74 7.84 -4.51
N ASP A 24 -15.97 7.43 -4.79
CA ASP A 24 -16.55 7.63 -6.10
C ASP A 24 -15.59 7.18 -7.20
N GLY A 25 -14.94 6.04 -6.99
CA GLY A 25 -14.02 5.53 -7.99
C GLY A 25 -12.57 5.99 -7.90
N ASP A 26 -12.31 7.06 -7.15
CA ASP A 26 -10.94 7.56 -7.02
C ASP A 26 -10.34 7.13 -5.68
N GLU A 27 -9.10 6.64 -5.74
CA GLU A 27 -8.39 6.17 -4.55
C GLU A 27 -8.03 7.26 -3.54
N ILE A 28 -8.40 7.05 -2.29
CA ILE A 28 -8.05 8.02 -1.25
C ILE A 28 -6.64 7.65 -0.79
N PHE A 29 -6.44 6.36 -0.51
CA PHE A 29 -5.15 5.87 -0.07
C PHE A 29 -5.11 4.34 -0.10
N HIS A 30 -3.93 3.78 0.13
CA HIS A 30 -3.74 2.35 0.25
C HIS A 30 -2.61 2.18 1.25
N VAL A 31 -2.50 1.01 1.84
CA VAL A 31 -1.46 0.77 2.82
C VAL A 31 -0.29 0.00 2.22
N ASP A 32 0.93 0.50 2.45
CA ASP A 32 2.12 -0.16 1.98
C ASP A 32 2.37 -1.27 3.01
N MET A 33 2.10 -2.52 2.61
CA MET A 33 2.23 -3.68 3.48
C MET A 33 3.64 -3.97 3.99
N ALA A 34 4.66 -3.52 3.27
CA ALA A 34 6.05 -3.77 3.67
C ALA A 34 6.57 -2.72 4.63
N LYS A 35 6.33 -1.46 4.29
CA LYS A 35 6.78 -0.35 5.14
C LYS A 35 5.76 -0.10 6.26
N LYS A 36 4.58 -0.69 6.12
CA LYS A 36 3.53 -0.54 7.12
C LYS A 36 3.19 0.93 7.36
N GLU A 37 2.81 1.60 6.29
CA GLU A 37 2.45 3.00 6.37
C GLU A 37 1.40 3.35 5.33
N THR A 38 0.69 4.45 5.57
CA THR A 38 -0.35 4.89 4.66
C THR A 38 0.24 5.66 3.49
N VAL A 39 -0.20 5.32 2.29
CA VAL A 39 0.27 5.98 1.07
C VAL A 39 -0.94 6.72 0.49
N TRP A 40 -1.00 8.03 0.72
CA TRP A 40 -2.11 8.85 0.22
C TRP A 40 -2.00 9.07 -1.28
N ARG A 41 -3.12 8.98 -1.99
CA ARG A 41 -3.13 9.15 -3.45
C ARG A 41 -2.67 10.54 -3.85
N LEU A 42 -3.17 11.55 -3.14
CA LEU A 42 -2.77 12.93 -3.37
C LEU A 42 -2.15 13.43 -2.07
N GLU A 43 -0.95 14.00 -2.17
CA GLU A 43 -0.22 14.51 -1.03
C GLU A 43 -1.07 15.24 0.02
N GLU A 44 -1.93 16.16 -0.43
CA GLU A 44 -2.74 16.92 0.50
C GLU A 44 -3.64 16.11 1.42
N PHE A 45 -4.16 14.99 0.96
CA PHE A 45 -5.04 14.17 1.79
C PHE A 45 -4.38 13.87 3.12
N GLY A 46 -3.08 13.59 3.09
CA GLY A 46 -2.34 13.29 4.30
C GLY A 46 -2.27 14.43 5.29
N ARG A 47 -2.60 15.63 4.83
CA ARG A 47 -2.60 16.81 5.70
C ARG A 47 -3.98 17.07 6.27
N PHE A 48 -5.01 16.47 5.66
CA PHE A 48 -6.38 16.67 6.12
C PHE A 48 -6.98 15.48 6.88
N ALA A 49 -6.32 14.33 6.82
CA ALA A 49 -6.84 13.15 7.50
C ALA A 49 -5.69 12.25 7.91
N SER A 50 -6.00 11.24 8.71
CA SER A 50 -4.99 10.30 9.15
C SER A 50 -5.57 8.90 9.09
N PHE A 51 -4.72 7.89 9.24
CA PHE A 51 -5.17 6.50 9.19
C PHE A 51 -4.17 5.62 9.93
N GLU A 52 -4.69 4.65 10.67
CA GLU A 52 -3.82 3.73 11.39
C GLU A 52 -3.58 2.49 10.53
N ALA A 53 -2.43 2.49 9.85
CA ALA A 53 -2.03 1.41 8.95
C ALA A 53 -2.14 0.02 9.56
N GLN A 54 -1.92 -0.10 10.86
CA GLN A 54 -1.98 -1.38 11.55
C GLN A 54 -3.34 -2.08 11.34
N GLY A 55 -4.39 -1.30 11.14
CA GLY A 55 -5.71 -1.87 10.94
C GLY A 55 -5.79 -2.69 9.67
N ALA A 56 -5.03 -2.25 8.66
CA ALA A 56 -5.00 -2.93 7.39
C ALA A 56 -4.21 -4.22 7.51
N LEU A 57 -3.14 -4.20 8.30
CA LEU A 57 -2.32 -5.39 8.47
C LEU A 57 -3.08 -6.49 9.21
N ALA A 58 -3.92 -6.10 10.15
CA ALA A 58 -4.70 -7.08 10.89
C ALA A 58 -5.71 -7.72 9.95
N ASN A 59 -6.42 -6.90 9.19
CA ASN A 59 -7.44 -7.40 8.26
C ASN A 59 -6.84 -8.30 7.17
N ILE A 60 -5.66 -7.94 6.67
CA ILE A 60 -5.06 -8.72 5.60
C ILE A 60 -4.73 -10.14 6.05
N ALA A 61 -4.40 -10.30 7.33
CA ALA A 61 -4.10 -11.61 7.87
C ALA A 61 -5.39 -12.44 7.93
N VAL A 62 -6.51 -11.79 8.28
CA VAL A 62 -7.78 -12.52 8.32
C VAL A 62 -8.19 -12.87 6.88
N ASP A 63 -7.94 -11.95 5.95
CA ASP A 63 -8.28 -12.19 4.55
C ASP A 63 -7.54 -13.41 4.00
N LYS A 64 -6.27 -13.56 4.34
CA LYS A 64 -5.52 -14.72 3.84
C LYS A 64 -6.08 -15.99 4.44
N ALA A 65 -6.28 -15.98 5.76
CA ALA A 65 -6.81 -17.17 6.45
C ALA A 65 -8.14 -17.56 5.80
N ASN A 66 -8.98 -16.57 5.53
CA ASN A 66 -10.28 -16.84 4.90
C ASN A 66 -10.07 -17.39 3.50
N LEU A 67 -9.12 -16.84 2.75
CA LEU A 67 -8.84 -17.32 1.41
C LEU A 67 -8.51 -18.81 1.42
N GLU A 68 -7.62 -19.19 2.35
CA GLU A 68 -7.18 -20.58 2.47
C GLU A 68 -8.37 -21.51 2.71
N ILE A 69 -9.24 -21.14 3.63
CA ILE A 69 -10.41 -21.95 3.94
C ILE A 69 -11.33 -22.07 2.73
N MET A 70 -11.58 -20.93 2.08
CA MET A 70 -12.45 -20.89 0.92
C MET A 70 -11.90 -21.65 -0.27
N THR A 71 -10.60 -21.56 -0.47
CA THR A 71 -9.94 -22.26 -1.57
C THR A 71 -10.20 -23.76 -1.39
N LYS A 72 -9.95 -24.24 -0.19
CA LYS A 72 -10.17 -25.65 0.12
C LYS A 72 -11.66 -25.99 -0.07
N ARG A 73 -12.53 -25.16 0.49
CA ARG A 73 -13.96 -25.41 0.40
C ARG A 73 -14.48 -25.50 -1.04
N SER A 74 -13.83 -24.82 -1.97
CA SER A 74 -14.24 -24.85 -3.37
C SER A 74 -13.58 -26.00 -4.13
N ASN A 75 -12.91 -26.88 -3.40
CA ASN A 75 -12.19 -27.99 -4.03
C ASN A 75 -11.15 -27.42 -4.97
N TYR A 76 -10.47 -26.39 -4.47
CA TYR A 76 -9.42 -25.70 -5.20
C TYR A 76 -9.79 -25.27 -6.61
N THR A 77 -10.89 -24.52 -6.70
CA THR A 77 -11.34 -23.99 -7.98
C THR A 77 -10.52 -22.73 -8.18
N PRO A 78 -9.72 -22.70 -9.25
CA PRO A 78 -8.86 -21.56 -9.56
C PRO A 78 -9.62 -20.42 -10.25
N ILE A 79 -9.04 -19.23 -10.23
CA ILE A 79 -9.70 -18.10 -10.88
C ILE A 79 -9.52 -18.19 -12.40
N THR A 80 -10.52 -17.72 -13.14
CA THR A 80 -10.46 -17.70 -14.59
C THR A 80 -9.82 -16.38 -14.99
N ASN A 81 -8.73 -16.43 -15.73
CA ASN A 81 -8.06 -15.21 -16.15
C ASN A 81 -8.92 -14.38 -17.09
N VAL A 82 -9.02 -13.09 -16.81
CA VAL A 82 -9.77 -12.20 -17.68
C VAL A 82 -8.76 -11.15 -18.13
N PRO A 83 -8.40 -11.17 -19.41
CA PRO A 83 -7.42 -10.19 -19.93
C PRO A 83 -7.94 -8.75 -19.83
N PRO A 84 -7.02 -7.79 -19.64
CA PRO A 84 -7.44 -6.39 -19.53
C PRO A 84 -7.72 -5.69 -20.85
N GLU A 85 -8.49 -4.62 -20.76
CA GLU A 85 -8.81 -3.77 -21.90
C GLU A 85 -7.80 -2.66 -21.69
N VAL A 86 -6.92 -2.45 -22.66
CA VAL A 86 -5.89 -1.41 -22.54
C VAL A 86 -6.13 -0.22 -23.47
N THR A 87 -6.03 0.98 -22.90
CA THR A 87 -6.23 2.21 -23.66
C THR A 87 -5.18 3.24 -23.28
N VAL A 88 -4.79 4.07 -24.25
CA VAL A 88 -3.82 5.12 -24.00
C VAL A 88 -4.38 6.44 -24.48
N LEU A 89 -4.36 7.43 -23.60
CA LEU A 89 -4.86 8.77 -23.91
C LEU A 89 -3.99 9.79 -23.20
N THR A 90 -4.11 11.05 -23.61
CA THR A 90 -3.37 12.14 -22.98
C THR A 90 -4.35 12.67 -21.93
N ASN A 91 -3.87 13.44 -20.96
CA ASN A 91 -4.77 13.98 -19.95
C ASN A 91 -5.37 15.30 -20.44
N SER A 92 -4.77 15.86 -21.48
CA SER A 92 -5.27 17.12 -22.03
C SER A 92 -4.97 17.17 -23.53
N PRO A 93 -5.75 17.98 -24.28
CA PRO A 93 -5.52 18.10 -25.73
C PRO A 93 -4.04 18.32 -26.01
N VAL A 94 -3.47 17.44 -26.82
CA VAL A 94 -2.04 17.50 -27.15
C VAL A 94 -1.67 18.57 -28.17
N GLU A 95 -0.53 19.22 -27.91
CA GLU A 95 0.00 20.26 -28.78
C GLU A 95 1.53 20.13 -28.68
N LEU A 96 2.21 20.20 -29.82
CA LEU A 96 3.66 20.05 -29.87
C LEU A 96 4.45 20.87 -28.85
N ARG A 97 5.48 20.23 -28.29
CA ARG A 97 6.38 20.83 -27.31
C ARG A 97 5.71 21.36 -26.04
N GLU A 98 4.44 21.01 -25.85
CA GLU A 98 3.70 21.43 -24.66
C GLU A 98 3.66 20.22 -23.72
N PRO A 99 4.25 20.34 -22.52
CA PRO A 99 4.22 19.23 -21.58
C PRO A 99 2.84 18.59 -21.43
N ASN A 100 2.80 17.27 -21.46
CA ASN A 100 1.55 16.53 -21.33
C ASN A 100 1.84 15.20 -20.64
N VAL A 101 0.82 14.38 -20.47
CA VAL A 101 1.01 13.08 -19.83
C VAL A 101 0.20 11.98 -20.50
N LEU A 102 0.87 10.86 -20.77
CA LEU A 102 0.20 9.72 -21.38
C LEU A 102 -0.36 8.86 -20.25
N ILE A 103 -1.63 8.51 -20.37
CA ILE A 103 -2.27 7.67 -19.37
C ILE A 103 -2.56 6.30 -19.97
N CYS A 104 -2.08 5.24 -19.33
CA CYS A 104 -2.38 3.90 -19.80
C CYS A 104 -3.45 3.31 -18.90
N PHE A 105 -4.66 3.15 -19.44
CA PHE A 105 -5.79 2.60 -18.70
C PHE A 105 -5.80 1.08 -18.87
N ILE A 106 -5.59 0.36 -17.77
CA ILE A 106 -5.62 -1.09 -17.78
C ILE A 106 -6.88 -1.44 -17.00
N ASP A 107 -7.89 -1.93 -17.71
CA ASP A 107 -9.20 -2.16 -17.10
C ASP A 107 -9.84 -3.53 -17.30
N LYS A 108 -10.86 -3.80 -16.49
CA LYS A 108 -11.65 -5.02 -16.55
C LYS A 108 -10.83 -6.31 -16.57
N PHE A 109 -9.94 -6.49 -15.60
CA PHE A 109 -9.12 -7.69 -15.59
C PHE A 109 -8.99 -8.33 -14.22
N THR A 110 -8.55 -9.58 -14.23
CA THR A 110 -8.33 -10.34 -13.00
C THR A 110 -7.59 -11.60 -13.44
N PRO A 111 -6.72 -12.16 -12.58
CA PRO A 111 -6.37 -11.69 -11.24
C PRO A 111 -5.55 -10.40 -11.25
N PRO A 112 -5.43 -9.74 -10.07
CA PRO A 112 -4.67 -8.49 -9.94
C PRO A 112 -3.15 -8.60 -10.00
N VAL A 113 -2.63 -9.03 -11.15
CA VAL A 113 -1.19 -9.12 -11.37
C VAL A 113 -0.97 -8.73 -12.82
N VAL A 114 -0.11 -7.74 -13.06
CA VAL A 114 0.17 -7.29 -14.42
C VAL A 114 1.57 -6.70 -14.52
N ASN A 115 2.14 -6.74 -15.72
CA ASN A 115 3.45 -6.16 -15.96
C ASN A 115 3.23 -5.08 -17.00
N VAL A 116 3.51 -3.84 -16.62
CA VAL A 116 3.30 -2.72 -17.51
C VAL A 116 4.61 -1.98 -17.76
N THR A 117 4.89 -1.70 -19.02
CA THR A 117 6.11 -0.97 -19.39
C THR A 117 5.77 0.04 -20.46
N TRP A 118 6.52 1.15 -20.47
CA TRP A 118 6.32 2.20 -21.46
C TRP A 118 7.43 2.10 -22.48
N LEU A 119 7.08 2.31 -23.74
CA LEU A 119 8.07 2.25 -24.82
C LEU A 119 8.07 3.54 -25.63
N ARG A 120 9.26 4.04 -25.90
CA ARG A 120 9.45 5.24 -26.70
C ARG A 120 10.37 4.82 -27.84
N ASN A 121 9.77 4.65 -29.02
CA ASN A 121 10.51 4.23 -30.20
C ASN A 121 11.15 2.85 -29.98
N GLY A 122 10.34 1.92 -29.52
CA GLY A 122 10.81 0.55 -29.29
C GLY A 122 11.67 0.35 -28.06
N LYS A 123 11.99 1.44 -27.36
CA LYS A 123 12.82 1.31 -26.16
C LYS A 123 12.05 1.70 -24.90
N PRO A 124 12.29 0.96 -23.79
CA PRO A 124 11.63 1.19 -22.50
C PRO A 124 11.97 2.54 -21.85
N VAL A 125 10.93 3.20 -21.34
CA VAL A 125 11.06 4.50 -20.68
C VAL A 125 10.83 4.35 -19.19
N THR A 126 11.64 5.04 -18.39
CA THR A 126 11.54 4.97 -16.94
C THR A 126 11.39 6.35 -16.27
N THR A 127 12.05 7.34 -16.84
CA THR A 127 12.03 8.69 -16.29
C THR A 127 10.64 9.26 -16.02
N GLY A 128 10.43 9.68 -14.78
CA GLY A 128 9.17 10.28 -14.38
C GLY A 128 7.88 9.47 -14.43
N VAL A 129 7.97 8.17 -14.70
CA VAL A 129 6.77 7.36 -14.77
C VAL A 129 6.24 7.05 -13.37
N SER A 130 4.92 6.83 -13.29
CA SER A 130 4.27 6.51 -12.03
C SER A 130 3.09 5.59 -12.33
N GLU A 131 2.58 4.92 -11.30
CA GLU A 131 1.46 3.99 -11.47
C GLU A 131 0.62 3.93 -10.20
N THR A 132 -0.58 3.37 -10.31
CA THR A 132 -1.46 3.21 -9.15
C THR A 132 -1.51 1.73 -8.79
N VAL A 133 -2.09 1.43 -7.64
CA VAL A 133 -2.24 0.04 -7.21
C VAL A 133 -3.52 -0.44 -7.90
N PHE A 134 -3.97 -1.64 -7.59
CA PHE A 134 -5.18 -2.17 -8.22
C PHE A 134 -6.45 -1.57 -7.63
N LEU A 135 -7.33 -1.08 -8.48
CA LEU A 135 -8.58 -0.47 -8.02
C LEU A 135 -9.76 -1.39 -8.26
N PRO A 136 -10.74 -1.41 -7.34
CA PRO A 136 -11.91 -2.27 -7.49
C PRO A 136 -12.94 -1.83 -8.52
N ARG A 137 -13.73 -2.79 -8.98
CA ARG A 137 -14.80 -2.55 -9.94
C ARG A 137 -16.04 -3.27 -9.43
N GLU A 138 -17.21 -2.81 -9.86
CA GLU A 138 -18.46 -3.42 -9.45
C GLU A 138 -18.58 -4.89 -9.84
N ASP A 139 -17.99 -5.26 -10.98
CA ASP A 139 -18.06 -6.65 -11.43
C ASP A 139 -16.96 -7.48 -10.79
N HIS A 140 -16.27 -6.86 -9.84
CA HIS A 140 -15.20 -7.51 -9.09
C HIS A 140 -13.89 -7.77 -9.82
N LEU A 141 -13.73 -7.13 -10.97
CA LEU A 141 -12.50 -7.22 -11.75
C LEU A 141 -11.72 -6.00 -11.25
N PHE A 142 -10.58 -5.70 -11.87
CA PHE A 142 -9.78 -4.56 -11.41
C PHE A 142 -9.43 -3.52 -12.49
N ARG A 143 -8.99 -2.35 -12.03
CA ARG A 143 -8.57 -1.26 -12.92
C ARG A 143 -7.18 -0.89 -12.42
N LYS A 144 -6.40 -0.21 -13.25
CA LYS A 144 -5.05 0.21 -12.89
C LYS A 144 -4.63 1.31 -13.85
N PHE A 145 -3.84 2.27 -13.38
CA PHE A 145 -3.38 3.37 -14.22
C PHE A 145 -1.86 3.53 -14.16
N HIS A 146 -1.25 3.77 -15.32
CA HIS A 146 0.18 4.02 -15.39
C HIS A 146 0.35 5.34 -16.09
N TYR A 147 1.30 6.15 -15.66
CA TYR A 147 1.48 7.45 -16.28
C TYR A 147 2.88 7.72 -16.80
N LEU A 148 2.95 8.45 -17.92
CA LEU A 148 4.23 8.79 -18.53
C LEU A 148 4.25 10.26 -18.95
N PRO A 149 4.96 11.10 -18.18
CA PRO A 149 5.02 12.52 -18.56
C PRO A 149 5.86 12.60 -19.83
N PHE A 150 5.51 13.48 -20.76
CA PHE A 150 6.29 13.59 -21.98
C PHE A 150 6.12 14.92 -22.70
N LEU A 151 6.98 15.17 -23.66
CA LEU A 151 6.95 16.39 -24.45
C LEU A 151 6.59 15.98 -25.88
N PRO A 152 5.35 16.27 -26.31
CA PRO A 152 4.90 15.91 -27.66
C PRO A 152 5.89 16.27 -28.78
N SER A 153 5.93 15.41 -29.80
CA SER A 153 6.79 15.59 -30.97
C SER A 153 6.17 14.73 -32.08
N THR A 154 6.35 15.12 -33.33
CA THR A 154 5.78 14.36 -34.43
C THR A 154 6.62 13.13 -34.77
N GLU A 155 7.77 13.00 -34.13
CA GLU A 155 8.68 11.89 -34.38
C GLU A 155 8.44 10.65 -33.52
N ASP A 156 8.35 10.83 -32.22
CA ASP A 156 8.16 9.72 -31.28
C ASP A 156 6.90 8.88 -31.45
N VAL A 157 7.04 7.59 -31.12
CA VAL A 157 5.95 6.64 -31.16
C VAL A 157 6.00 5.90 -29.82
N TYR A 158 4.93 6.00 -29.04
CA TYR A 158 4.90 5.34 -27.74
C TYR A 158 4.07 4.07 -27.71
N ASP A 159 4.34 3.23 -26.72
CA ASP A 159 3.63 1.98 -26.53
C ASP A 159 3.43 1.71 -25.05
N CYS A 160 2.23 1.28 -24.68
CA CYS A 160 2.00 0.88 -23.31
C CYS A 160 2.00 -0.63 -23.52
N ARG A 161 3.02 -1.30 -22.99
CA ARG A 161 3.14 -2.75 -23.13
C ARG A 161 2.60 -3.46 -21.90
N VAL A 162 1.54 -4.24 -22.08
CA VAL A 162 0.91 -4.93 -20.95
C VAL A 162 0.95 -6.46 -21.07
N GLU A 163 1.39 -7.09 -19.98
CA GLU A 163 1.44 -8.54 -19.93
C GLU A 163 0.50 -9.00 -18.83
N HIS A 164 -0.31 -10.00 -19.13
CA HIS A 164 -1.26 -10.56 -18.16
C HIS A 164 -1.57 -11.99 -18.56
N TRP A 165 -1.70 -12.87 -17.58
CA TRP A 165 -1.98 -14.28 -17.85
C TRP A 165 -3.17 -14.53 -18.76
N GLY A 166 -4.07 -13.55 -18.88
CA GLY A 166 -5.23 -13.70 -19.74
C GLY A 166 -4.90 -13.40 -21.19
N LEU A 167 -3.72 -12.82 -21.41
CA LEU A 167 -3.26 -12.48 -22.74
C LEU A 167 -2.26 -13.53 -23.22
N ASP A 168 -2.45 -14.04 -24.42
CA ASP A 168 -1.57 -15.06 -24.99
C ASP A 168 -0.20 -14.46 -25.26
N GLU A 169 -0.16 -13.16 -25.52
CA GLU A 169 1.10 -12.48 -25.76
C GLU A 169 1.02 -11.04 -25.28
N PRO A 170 2.18 -10.40 -25.07
CA PRO A 170 2.17 -9.02 -24.62
C PRO A 170 1.30 -8.16 -25.54
N LEU A 171 0.56 -7.23 -24.95
CA LEU A 171 -0.30 -6.35 -25.72
C LEU A 171 0.35 -4.99 -25.77
N LEU A 172 0.62 -4.50 -26.97
CA LEU A 172 1.24 -3.19 -27.13
C LEU A 172 0.24 -2.18 -27.64
N LYS A 173 -0.07 -1.19 -26.81
CA LYS A 173 -1.00 -0.14 -27.20
C LYS A 173 -0.19 1.02 -27.73
N HIS A 174 -0.36 1.27 -29.02
CA HIS A 174 0.34 2.30 -29.74
C HIS A 174 -0.23 3.70 -29.50
N TRP A 175 0.66 4.68 -29.45
CA TRP A 175 0.25 6.06 -29.30
C TRP A 175 1.29 6.97 -29.95
N GLU A 176 0.82 7.89 -30.77
CA GLU A 176 1.70 8.83 -31.46
C GLU A 176 0.95 10.12 -31.76
N PHE A 177 1.69 11.21 -31.89
CA PHE A 177 1.06 12.51 -32.17
C PHE A 177 0.31 12.44 -33.50
N ASP A 178 -0.99 12.72 -33.46
CA ASP A 178 -1.81 12.69 -34.67
C ASP A 178 -2.66 13.96 -34.77
N ALA A 179 -2.36 14.94 -33.91
CA ALA A 179 -3.10 16.19 -33.90
C ALA A 179 -2.47 17.22 -34.85
N GLY B 1 8.22 -21.78 -16.71
CA GLY B 1 7.32 -20.59 -16.53
C GLY B 1 6.39 -20.76 -15.35
N ASP B 2 5.63 -19.71 -15.02
CA ASP B 2 4.70 -19.75 -13.90
C ASP B 2 3.28 -20.02 -14.37
N THR B 3 2.83 -21.27 -14.19
CA THR B 3 1.50 -21.65 -14.62
C THR B 3 0.62 -22.11 -13.45
N ARG B 4 1.05 -21.81 -12.22
CA ARG B 4 0.28 -22.22 -11.07
C ARG B 4 -1.09 -21.57 -11.06
N PRO B 5 -2.12 -22.32 -10.63
CA PRO B 5 -3.48 -21.79 -10.58
C PRO B 5 -3.54 -20.71 -9.50
N ARG B 6 -4.36 -19.68 -9.72
CA ARG B 6 -4.49 -18.61 -8.73
C ARG B 6 -5.81 -18.70 -7.98
N PHE B 7 -5.81 -18.22 -6.73
CA PHE B 7 -6.98 -18.22 -5.86
C PHE B 7 -7.06 -16.83 -5.22
N LEU B 8 -8.14 -16.13 -5.49
CA LEU B 8 -8.32 -14.75 -5.02
C LEU B 8 -9.49 -14.61 -4.05
N TRP B 9 -9.32 -13.73 -3.07
CA TRP B 9 -10.37 -13.43 -2.09
C TRP B 9 -10.40 -11.92 -1.91
N GLN B 10 -11.60 -11.35 -2.02
CA GLN B 10 -11.78 -9.92 -1.85
C GLN B 10 -12.79 -9.65 -0.75
N LEU B 11 -12.57 -8.57 -0.01
CA LEU B 11 -13.50 -8.14 1.04
C LEU B 11 -13.70 -6.65 0.79
N LYS B 12 -14.96 -6.25 0.59
CA LYS B 12 -15.27 -4.86 0.32
C LYS B 12 -16.36 -4.33 1.25
N PHE B 13 -16.15 -3.14 1.79
CA PHE B 13 -17.16 -2.51 2.64
C PHE B 13 -17.55 -1.25 1.87
N GLU B 14 -18.73 -1.26 1.28
CA GLU B 14 -19.20 -0.13 0.51
C GLU B 14 -20.19 0.69 1.32
N CYS B 15 -19.90 1.98 1.52
CA CYS B 15 -20.80 2.87 2.22
C CYS B 15 -21.46 3.73 1.16
N HIS B 16 -22.77 3.56 0.98
CA HIS B 16 -23.51 4.32 -0.03
C HIS B 16 -24.26 5.48 0.61
N PHE B 17 -24.02 6.69 0.10
CA PHE B 17 -24.66 7.89 0.63
C PHE B 17 -25.63 8.56 -0.33
N PHE B 18 -26.79 8.92 0.22
CA PHE B 18 -27.82 9.60 -0.57
C PHE B 18 -28.21 10.85 0.21
N ASN B 19 -27.98 12.01 -0.40
CA ASN B 19 -28.28 13.30 0.22
C ASN B 19 -27.34 13.47 1.41
N GLY B 20 -26.05 13.31 1.14
CA GLY B 20 -25.05 13.44 2.18
C GLY B 20 -25.13 12.29 3.16
N THR B 21 -25.40 12.63 4.43
CA THR B 21 -25.50 11.64 5.47
C THR B 21 -26.97 11.46 5.89
N GLU B 22 -27.88 11.67 4.94
CA GLU B 22 -29.32 11.55 5.22
C GLU B 22 -29.78 10.10 5.16
N ARG B 23 -29.38 9.42 4.09
CA ARG B 23 -29.72 8.03 3.90
C ARG B 23 -28.42 7.31 3.58
N VAL B 24 -28.10 6.30 4.39
CA VAL B 24 -26.85 5.56 4.22
C VAL B 24 -27.08 4.06 4.24
N ARG B 25 -26.33 3.35 3.39
CA ARG B 25 -26.43 1.91 3.30
C ARG B 25 -25.04 1.28 3.29
N LEU B 26 -24.83 0.29 4.15
CA LEU B 26 -23.54 -0.39 4.18
C LEU B 26 -23.70 -1.72 3.47
N LEU B 27 -22.83 -1.98 2.51
CA LEU B 27 -22.86 -3.23 1.79
C LEU B 27 -21.50 -3.90 1.93
N GLU B 28 -21.46 -4.93 2.78
CA GLU B 28 -20.24 -5.69 3.04
C GLU B 28 -20.29 -6.92 2.14
N ARG B 29 -19.27 -7.11 1.31
CA ARG B 29 -19.29 -8.27 0.42
C ARG B 29 -17.98 -9.03 0.30
N CYS B 30 -18.11 -10.35 0.20
CA CYS B 30 -16.97 -11.23 0.05
C CYS B 30 -17.02 -11.83 -1.34
N ILE B 31 -15.88 -11.82 -2.03
CA ILE B 31 -15.82 -12.36 -3.39
C ILE B 31 -14.70 -13.40 -3.44
N TYR B 32 -15.03 -14.63 -3.79
CA TYR B 32 -13.98 -15.63 -3.86
C TYR B 32 -13.13 -15.33 -5.09
N ASN B 33 -13.37 -15.94 -6.24
CA ASN B 33 -12.55 -15.59 -7.39
C ASN B 33 -13.22 -14.40 -8.09
N GLN B 34 -14.24 -14.64 -8.89
CA GLN B 34 -14.97 -13.52 -9.50
C GLN B 34 -16.43 -13.66 -9.05
N GLU B 35 -16.63 -14.52 -8.07
CA GLU B 35 -17.96 -14.82 -7.55
C GLU B 35 -18.24 -14.27 -6.16
N GLU B 36 -19.17 -13.32 -6.05
CA GLU B 36 -19.57 -12.78 -4.76
C GLU B 36 -20.30 -13.93 -4.11
N SER B 37 -19.91 -14.29 -2.90
CA SER B 37 -20.50 -15.44 -2.21
C SER B 37 -21.40 -15.15 -1.02
N VAL B 38 -21.11 -14.07 -0.30
CA VAL B 38 -21.90 -13.73 0.87
C VAL B 38 -21.79 -12.23 1.11
N ARG B 39 -22.83 -11.65 1.71
CA ARG B 39 -22.83 -10.22 1.96
C ARG B 39 -23.67 -9.83 3.15
N PHE B 40 -23.42 -8.62 3.65
CA PHE B 40 -24.22 -8.05 4.71
C PHE B 40 -24.68 -6.72 4.13
N ASP B 41 -26.00 -6.59 3.98
CA ASP B 41 -26.64 -5.41 3.44
C ASP B 41 -27.37 -4.81 4.64
N SER B 42 -27.02 -3.59 5.04
CA SER B 42 -27.68 -2.98 6.19
C SER B 42 -29.19 -2.83 5.97
N ASP B 43 -29.62 -2.84 4.72
CA ASP B 43 -31.04 -2.73 4.42
C ASP B 43 -31.74 -4.04 4.80
N VAL B 44 -30.97 -5.13 4.82
CA VAL B 44 -31.49 -6.43 5.18
C VAL B 44 -31.31 -6.68 6.67
N GLY B 45 -30.13 -6.34 7.20
CA GLY B 45 -29.90 -6.49 8.63
C GLY B 45 -29.14 -7.71 9.10
N GLU B 46 -28.86 -8.64 8.19
CA GLU B 46 -28.12 -9.84 8.53
C GLU B 46 -27.38 -10.30 7.29
N TYR B 47 -26.49 -11.26 7.45
CA TYR B 47 -25.75 -11.77 6.30
C TYR B 47 -26.65 -12.67 5.48
N ARG B 48 -26.39 -12.70 4.18
CA ARG B 48 -27.15 -13.53 3.25
C ARG B 48 -26.16 -14.12 2.26
N ALA B 49 -26.28 -15.41 2.00
CA ALA B 49 -25.40 -16.06 1.04
C ALA B 49 -25.84 -15.62 -0.35
N VAL B 50 -24.88 -15.35 -1.22
CA VAL B 50 -25.24 -14.96 -2.59
C VAL B 50 -25.18 -16.22 -3.44
N THR B 51 -24.30 -17.14 -3.05
CA THR B 51 -24.15 -18.40 -3.76
C THR B 51 -23.98 -19.50 -2.70
N GLU B 52 -24.08 -20.76 -3.14
CA GLU B 52 -23.95 -21.88 -2.21
C GLU B 52 -22.65 -21.84 -1.41
N LEU B 53 -21.57 -21.39 -2.06
CA LEU B 53 -20.25 -21.32 -1.42
C LEU B 53 -20.29 -20.53 -0.11
N GLY B 54 -21.05 -19.45 -0.09
CA GLY B 54 -21.11 -18.61 1.08
C GLY B 54 -22.11 -18.98 2.17
N ARG B 55 -22.86 -20.04 1.99
CA ARG B 55 -23.85 -20.43 3.00
C ARG B 55 -23.25 -20.70 4.38
N PRO B 56 -22.11 -21.39 4.44
CA PRO B 56 -21.52 -21.65 5.75
C PRO B 56 -21.17 -20.35 6.50
N ASP B 57 -20.75 -19.34 5.74
CA ASP B 57 -20.35 -18.08 6.34
C ASP B 57 -21.51 -17.23 6.84
N ALA B 58 -22.57 -17.10 6.04
CA ALA B 58 -23.72 -16.32 6.48
C ALA B 58 -24.32 -16.96 7.73
N GLU B 59 -24.29 -18.29 7.78
CA GLU B 59 -24.84 -19.02 8.91
C GLU B 59 -24.02 -18.79 10.18
N TYR B 60 -22.70 -18.88 10.05
CA TYR B 60 -21.81 -18.68 11.19
C TYR B 60 -21.85 -17.24 11.69
N TRP B 61 -21.77 -16.28 10.78
CA TRP B 61 -21.79 -14.88 11.14
C TRP B 61 -23.13 -14.44 11.74
N ASN B 62 -24.23 -14.95 11.22
CA ASN B 62 -25.55 -14.58 11.76
C ASN B 62 -25.76 -15.15 13.17
N SER B 63 -24.94 -16.12 13.55
CA SER B 63 -25.05 -16.71 14.89
C SER B 63 -24.27 -15.87 15.89
N GLN B 64 -23.50 -14.91 15.38
CA GLN B 64 -22.70 -14.03 16.23
C GLN B 64 -23.42 -12.72 16.46
N LYS B 65 -24.23 -12.68 17.51
CA LYS B 65 -25.01 -11.50 17.82
C LYS B 65 -24.20 -10.21 18.00
N ASP B 66 -23.00 -10.30 18.55
CA ASP B 66 -22.19 -9.11 18.74
C ASP B 66 -21.78 -8.54 17.38
N LEU B 67 -21.35 -9.43 16.47
CA LEU B 67 -20.95 -9.02 15.13
C LEU B 67 -22.12 -8.31 14.46
N LEU B 68 -23.30 -8.93 14.55
CA LEU B 68 -24.51 -8.37 13.95
C LEU B 68 -24.86 -6.99 14.49
N GLU B 69 -24.79 -6.80 15.81
CA GLU B 69 -25.12 -5.49 16.37
C GLU B 69 -24.14 -4.42 15.91
N GLN B 70 -22.87 -4.78 15.85
CA GLN B 70 -21.85 -3.82 15.43
C GLN B 70 -21.96 -3.49 13.95
N ARG B 71 -22.23 -4.48 13.11
CA ARG B 71 -22.38 -4.26 11.66
C ARG B 71 -23.61 -3.36 11.43
N ARG B 72 -24.68 -3.60 12.18
CA ARG B 72 -25.88 -2.78 12.05
C ARG B 72 -25.62 -1.33 12.48
N ALA B 73 -24.77 -1.15 13.47
CA ALA B 73 -24.44 0.18 13.96
C ALA B 73 -23.38 0.86 13.09
N ALA B 74 -22.65 0.07 12.30
CA ALA B 74 -21.59 0.58 11.44
C ALA B 74 -22.06 1.65 10.45
N VAL B 75 -23.32 1.61 10.05
CA VAL B 75 -23.80 2.64 9.13
C VAL B 75 -23.55 4.00 9.78
N ASP B 76 -23.59 4.05 11.11
CA ASP B 76 -23.34 5.29 11.86
C ASP B 76 -21.86 5.47 12.21
N THR B 77 -21.33 4.52 12.99
CA THR B 77 -19.96 4.56 13.48
C THR B 77 -18.84 4.46 12.44
N TYR B 78 -19.17 3.89 11.28
CA TYR B 78 -18.19 3.72 10.22
C TYR B 78 -18.53 4.57 8.98
N CYS B 79 -19.69 4.36 8.39
CA CYS B 79 -20.08 5.11 7.20
C CYS B 79 -20.27 6.62 7.43
N ARG B 80 -21.23 7.02 8.28
CA ARG B 80 -21.42 8.45 8.52
C ARG B 80 -20.15 9.06 9.13
N HIS B 81 -19.42 8.26 9.93
CA HIS B 81 -18.20 8.75 10.55
C HIS B 81 -17.14 9.13 9.50
N ASN B 82 -16.85 8.20 8.59
CA ASN B 82 -15.84 8.45 7.57
C ASN B 82 -16.27 9.52 6.60
N TYR B 83 -17.57 9.64 6.38
CA TYR B 83 -18.07 10.66 5.47
C TYR B 83 -17.74 12.02 6.09
N GLY B 84 -17.96 12.13 7.40
CA GLY B 84 -17.68 13.38 8.09
C GLY B 84 -16.21 13.72 8.07
N VAL B 85 -15.37 12.69 8.17
CA VAL B 85 -13.92 12.88 8.17
C VAL B 85 -13.38 13.34 6.82
N GLY B 86 -13.86 12.71 5.74
CA GLY B 86 -13.36 13.04 4.42
C GLY B 86 -14.16 14.01 3.58
N GLU B 87 -15.39 14.29 3.98
CA GLU B 87 -16.24 15.19 3.21
C GLU B 87 -15.58 16.48 2.71
N SER B 88 -14.76 17.09 3.56
CA SER B 88 -14.10 18.36 3.21
C SER B 88 -13.13 18.31 2.03
N PHE B 89 -12.43 17.19 1.85
CA PHE B 89 -11.49 17.10 0.73
C PHE B 89 -11.91 16.11 -0.36
N THR B 90 -13.12 15.59 -0.25
CA THR B 90 -13.63 14.64 -1.24
C THR B 90 -14.94 15.18 -1.80
N VAL B 91 -16.01 15.11 -1.01
CA VAL B 91 -17.32 15.60 -1.41
C VAL B 91 -17.25 17.06 -1.86
N GLN B 92 -16.45 17.87 -1.17
CA GLN B 92 -16.33 19.27 -1.49
C GLN B 92 -15.18 19.66 -2.42
N ARG B 93 -14.43 18.66 -2.87
CA ARG B 93 -13.31 18.92 -3.77
C ARG B 93 -13.83 19.47 -5.10
N ARG B 94 -13.17 20.50 -5.62
CA ARG B 94 -13.57 21.08 -6.88
C ARG B 94 -12.41 21.63 -7.69
N VAL B 95 -12.35 21.20 -8.94
CA VAL B 95 -11.32 21.64 -9.87
C VAL B 95 -12.04 22.02 -11.16
N GLU B 96 -11.94 23.30 -11.52
CA GLU B 96 -12.60 23.82 -12.70
C GLU B 96 -12.08 23.18 -13.98
N PRO B 97 -12.98 22.84 -14.90
CA PRO B 97 -12.56 22.23 -16.16
C PRO B 97 -11.91 23.22 -17.12
N LYS B 98 -10.99 22.72 -17.92
CA LYS B 98 -10.34 23.53 -18.94
C LYS B 98 -11.15 23.21 -20.19
N VAL B 99 -11.76 24.23 -20.80
CA VAL B 99 -12.60 24.02 -21.96
C VAL B 99 -12.07 24.72 -23.21
N THR B 100 -11.96 23.97 -24.30
CA THR B 100 -11.50 24.54 -25.55
C THR B 100 -12.31 23.95 -26.71
N VAL B 101 -12.52 24.74 -27.73
CA VAL B 101 -13.27 24.31 -28.90
C VAL B 101 -12.43 24.46 -30.16
N TYR B 102 -12.43 23.42 -30.99
CA TYR B 102 -11.70 23.41 -32.24
C TYR B 102 -12.34 22.38 -33.17
N PRO B 103 -12.07 22.49 -34.48
CA PRO B 103 -12.66 21.52 -35.41
C PRO B 103 -11.89 20.21 -35.37
N SER B 104 -12.61 19.09 -35.46
CA SER B 104 -11.97 17.79 -35.44
C SER B 104 -11.01 17.66 -36.62
N LYS B 105 -10.06 16.73 -36.51
CA LYS B 105 -9.10 16.51 -37.58
C LYS B 105 -9.66 15.38 -38.39
N THR B 106 -10.94 15.15 -38.34
CA THR B 106 -11.38 14.01 -39.09
C THR B 106 -12.05 14.44 -40.36
N GLN B 107 -13.04 15.28 -40.16
CA GLN B 107 -13.92 15.84 -41.18
C GLN B 107 -14.19 15.07 -42.43
N PRO B 108 -14.73 13.88 -42.28
CA PRO B 108 -14.98 13.21 -43.52
C PRO B 108 -15.64 14.05 -44.57
N LEU B 109 -16.89 14.28 -44.23
CA LEU B 109 -17.83 14.74 -45.19
C LEU B 109 -18.13 16.03 -45.90
N GLN B 110 -17.07 16.53 -46.53
CA GLN B 110 -17.07 17.73 -47.36
C GLN B 110 -18.16 18.70 -46.85
N HIS B 111 -18.53 19.76 -47.57
CA HIS B 111 -19.44 20.74 -46.95
C HIS B 111 -20.21 20.30 -45.73
N HIS B 112 -19.40 20.21 -44.67
CA HIS B 112 -19.74 19.80 -43.30
C HIS B 112 -18.54 20.27 -42.46
N ASN B 113 -18.67 20.20 -41.14
CA ASN B 113 -17.58 20.58 -40.23
C ASN B 113 -17.93 20.11 -38.82
N LEU B 114 -17.25 19.07 -38.33
CA LEU B 114 -17.51 18.55 -36.98
C LEU B 114 -16.68 19.31 -35.97
N LEU B 115 -17.37 19.85 -34.97
CA LEU B 115 -16.70 20.59 -33.91
C LEU B 115 -16.41 19.72 -32.71
N VAL B 116 -15.32 20.02 -32.03
CA VAL B 116 -14.92 19.28 -30.86
C VAL B 116 -14.89 20.19 -29.65
N CYS B 117 -15.61 19.81 -28.60
CA CYS B 117 -15.57 20.59 -27.36
C CYS B 117 -14.81 19.72 -26.37
N SER B 118 -13.59 20.14 -26.07
CA SER B 118 -12.74 19.41 -25.12
C SER B 118 -12.91 19.99 -23.72
N VAL B 119 -13.25 19.12 -22.77
CA VAL B 119 -13.44 19.53 -21.38
C VAL B 119 -12.54 18.59 -20.57
N SER B 120 -11.51 19.13 -19.94
CA SER B 120 -10.57 18.29 -19.20
C SER B 120 -10.08 18.83 -17.87
N GLY B 121 -9.43 17.93 -17.11
CA GLY B 121 -8.86 18.26 -15.83
C GLY B 121 -9.82 18.64 -14.70
N PHE B 122 -11.10 18.30 -14.83
CA PHE B 122 -12.06 18.67 -13.81
C PHE B 122 -12.37 17.63 -12.72
N TYR B 123 -13.04 18.11 -11.68
CA TYR B 123 -13.48 17.29 -10.55
C TYR B 123 -14.52 18.13 -9.80
N PRO B 124 -15.64 17.51 -9.37
CA PRO B 124 -16.01 16.11 -9.55
C PRO B 124 -16.38 15.69 -10.97
N GLY B 125 -16.77 14.43 -11.12
CA GLY B 125 -17.15 13.91 -12.43
C GLY B 125 -18.45 14.44 -12.99
N SER B 126 -19.39 14.78 -12.11
CA SER B 126 -20.67 15.30 -12.59
C SER B 126 -20.42 16.57 -13.39
N ILE B 127 -20.90 16.57 -14.63
CA ILE B 127 -20.71 17.72 -15.52
C ILE B 127 -21.72 17.61 -16.65
N GLU B 128 -22.21 18.75 -17.12
CA GLU B 128 -23.16 18.77 -18.23
C GLU B 128 -22.56 19.59 -19.38
N VAL B 129 -22.54 19.00 -20.57
CA VAL B 129 -21.99 19.67 -21.74
C VAL B 129 -23.03 19.67 -22.84
N ARG B 130 -23.48 20.86 -23.24
CA ARG B 130 -24.49 21.00 -24.29
C ARG B 130 -24.00 21.92 -25.41
N TRP B 131 -24.48 21.65 -26.61
CA TRP B 131 -24.13 22.46 -27.78
C TRP B 131 -25.32 23.30 -28.18
N PHE B 132 -25.06 24.52 -28.66
CA PHE B 132 -26.11 25.41 -29.10
C PHE B 132 -25.74 26.05 -30.43
N ARG B 133 -26.77 26.37 -31.22
CA ARG B 133 -26.57 27.01 -32.51
C ARG B 133 -27.42 28.27 -32.56
N ASN B 134 -26.76 29.41 -32.42
CA ASN B 134 -27.42 30.71 -32.44
C ASN B 134 -28.38 30.88 -31.26
N GLY B 135 -28.02 30.33 -30.11
CA GLY B 135 -28.85 30.47 -28.93
C GLY B 135 -29.80 29.32 -28.63
N GLN B 136 -29.99 28.42 -29.58
CA GLN B 136 -30.89 27.29 -29.38
C GLN B 136 -30.09 25.98 -29.27
N GLU B 137 -30.51 25.10 -28.37
CA GLU B 137 -29.80 23.84 -28.16
C GLU B 137 -29.87 22.84 -29.31
N GLU B 138 -28.76 22.12 -29.49
CA GLU B 138 -28.64 21.10 -30.53
C GLU B 138 -28.97 19.74 -29.94
N LYS B 139 -30.00 19.10 -30.47
CA LYS B 139 -30.39 17.78 -29.98
C LYS B 139 -29.69 16.69 -30.77
N ALA B 140 -29.77 16.77 -32.10
CA ALA B 140 -29.13 15.77 -32.95
C ALA B 140 -27.73 16.19 -33.36
N GLY B 141 -26.97 15.23 -33.90
CA GLY B 141 -25.61 15.52 -34.33
C GLY B 141 -24.57 15.51 -33.22
N VAL B 142 -25.04 15.58 -31.98
CA VAL B 142 -24.14 15.61 -30.83
C VAL B 142 -23.68 14.19 -30.48
N VAL B 143 -22.38 14.04 -30.26
CA VAL B 143 -21.81 12.74 -29.91
C VAL B 143 -20.73 12.89 -28.85
N SER B 144 -20.83 12.10 -27.78
CA SER B 144 -19.85 12.17 -26.71
C SER B 144 -19.02 10.90 -26.61
N THR B 145 -17.77 11.07 -26.18
CA THR B 145 -16.85 9.96 -26.01
C THR B 145 -17.10 9.35 -24.63
N GLY B 146 -17.92 10.02 -23.84
CA GLY B 146 -18.21 9.55 -22.49
C GLY B 146 -17.31 10.19 -21.47
N LEU B 147 -17.68 10.06 -20.20
CA LEU B 147 -16.90 10.62 -19.10
C LEU B 147 -15.70 9.73 -18.83
N ILE B 148 -14.50 10.32 -18.85
CA ILE B 148 -13.30 9.54 -18.59
C ILE B 148 -12.65 9.91 -17.27
N GLN B 149 -12.57 8.92 -16.38
CA GLN B 149 -11.96 9.09 -15.06
C GLN B 149 -10.48 8.76 -15.23
N ASN B 150 -9.61 9.74 -15.00
CA ASN B 150 -8.17 9.58 -15.16
C ASN B 150 -7.39 8.86 -14.06
N GLY B 151 -8.06 8.55 -12.96
CA GLY B 151 -7.41 7.86 -11.86
C GLY B 151 -6.59 8.75 -10.94
N ASP B 152 -6.54 10.04 -11.23
CA ASP B 152 -5.79 10.98 -10.41
C ASP B 152 -6.69 12.07 -9.84
N TRP B 153 -7.97 11.73 -9.66
CA TRP B 153 -8.98 12.66 -9.14
C TRP B 153 -9.24 13.77 -10.16
N THR B 154 -9.23 13.38 -11.42
CA THR B 154 -9.46 14.30 -12.51
C THR B 154 -10.24 13.55 -13.59
N PHE B 155 -11.04 14.28 -14.35
CA PHE B 155 -11.84 13.69 -15.43
C PHE B 155 -11.68 14.49 -16.72
N GLN B 156 -12.04 13.84 -17.83
CA GLN B 156 -11.99 14.49 -19.13
C GLN B 156 -13.09 13.90 -20.01
N THR B 157 -13.48 14.64 -21.03
CA THR B 157 -14.51 14.18 -21.95
C THR B 157 -14.50 15.06 -23.20
N LEU B 158 -14.96 14.49 -24.31
CA LEU B 158 -15.03 15.20 -25.58
C LEU B 158 -16.47 15.06 -26.09
N VAL B 159 -17.09 16.18 -26.44
CA VAL B 159 -18.46 16.16 -26.97
C VAL B 159 -18.46 16.83 -28.34
N MET B 160 -18.57 16.03 -29.39
CA MET B 160 -18.57 16.55 -30.76
C MET B 160 -19.94 16.98 -31.27
N LEU B 161 -19.94 17.87 -32.25
CA LEU B 161 -21.15 18.37 -32.87
C LEU B 161 -20.98 18.46 -34.37
N GLU B 162 -21.76 17.68 -35.11
CA GLU B 162 -21.70 17.69 -36.57
C GLU B 162 -22.47 18.92 -37.04
N THR B 163 -21.89 19.71 -37.93
CA THR B 163 -22.56 20.90 -38.41
C THR B 163 -22.38 21.18 -39.89
N VAL B 164 -23.31 21.97 -40.43
CA VAL B 164 -23.29 22.40 -41.82
C VAL B 164 -23.22 23.91 -41.66
N PRO B 165 -22.02 24.42 -41.34
CA PRO B 165 -21.71 25.84 -41.11
C PRO B 165 -22.11 26.84 -42.18
N ARG B 166 -22.63 27.97 -41.71
CA ARG B 166 -23.05 29.07 -42.57
C ARG B 166 -22.46 30.33 -41.96
N SER B 167 -21.67 31.05 -42.75
CA SER B 167 -21.03 32.29 -42.28
C SER B 167 -21.94 33.09 -41.35
N GLY B 168 -21.41 33.49 -40.20
CA GLY B 168 -22.19 34.27 -39.25
C GLY B 168 -22.83 33.50 -38.12
N GLU B 169 -22.93 32.18 -38.26
CA GLU B 169 -23.54 31.36 -37.21
C GLU B 169 -22.63 31.25 -35.99
N VAL B 170 -23.22 31.11 -34.82
CA VAL B 170 -22.47 30.99 -33.58
C VAL B 170 -22.78 29.69 -32.85
N TYR B 171 -21.83 28.77 -32.86
CA TYR B 171 -21.99 27.48 -32.18
C TYR B 171 -21.34 27.57 -30.81
N THR B 172 -22.14 27.37 -29.77
CA THR B 172 -21.64 27.46 -28.40
C THR B 172 -21.61 26.14 -27.65
N CYS B 173 -20.51 25.90 -26.95
CA CYS B 173 -20.38 24.71 -26.12
C CYS B 173 -20.57 25.22 -24.70
N GLN B 174 -21.61 24.76 -24.03
CA GLN B 174 -21.86 25.20 -22.67
C GLN B 174 -21.56 24.10 -21.67
N VAL B 175 -20.78 24.46 -20.65
CA VAL B 175 -20.37 23.52 -19.62
C VAL B 175 -20.82 23.96 -18.23
N GLU B 176 -21.63 23.13 -17.58
CA GLU B 176 -22.09 23.41 -16.24
C GLU B 176 -21.36 22.39 -15.35
N HIS B 177 -20.74 22.88 -14.28
CA HIS B 177 -19.99 22.02 -13.38
C HIS B 177 -20.01 22.64 -12.00
N PRO B 178 -19.93 21.82 -10.94
CA PRO B 178 -19.95 22.31 -9.57
C PRO B 178 -18.84 23.32 -9.23
N SER B 179 -17.79 23.35 -10.03
CA SER B 179 -16.68 24.26 -9.78
C SER B 179 -17.02 25.72 -10.06
N VAL B 180 -18.05 25.96 -10.86
CA VAL B 180 -18.44 27.32 -11.20
C VAL B 180 -19.92 27.58 -10.94
N THR B 181 -20.21 28.80 -10.49
CA THR B 181 -21.58 29.21 -10.18
C THR B 181 -22.40 29.40 -11.46
N SER B 182 -21.77 29.95 -12.48
CA SER B 182 -22.44 30.18 -13.76
C SER B 182 -21.79 29.32 -14.83
N PRO B 183 -22.56 28.94 -15.86
CA PRO B 183 -22.04 28.10 -16.95
C PRO B 183 -20.86 28.68 -17.74
N LEU B 184 -19.95 27.80 -18.14
CA LEU B 184 -18.79 28.17 -18.92
C LEU B 184 -19.20 28.01 -20.38
N THR B 185 -18.78 28.94 -21.23
CA THR B 185 -19.12 28.85 -22.64
C THR B 185 -17.94 29.20 -23.54
N VAL B 186 -17.87 28.50 -24.67
CA VAL B 186 -16.83 28.72 -25.66
C VAL B 186 -17.55 28.72 -26.99
N GLU B 187 -17.35 29.77 -27.79
CA GLU B 187 -18.05 29.86 -29.06
C GLU B 187 -17.18 29.65 -30.28
N TRP B 188 -17.77 29.01 -31.28
CA TRP B 188 -17.11 28.79 -32.55
C TRP B 188 -17.82 29.72 -33.50
N ARG B 189 -17.09 30.67 -34.07
CA ARG B 189 -17.69 31.61 -35.00
C ARG B 189 -17.50 31.08 -36.41
N ALA B 190 -18.60 30.64 -37.02
CA ALA B 190 -18.57 30.10 -38.37
C ALA B 190 -18.64 31.23 -39.39
N GLY C 1 -4.66 14.90 10.64
CA GLY C 1 -6.12 15.10 10.40
C GLY C 1 -6.95 14.11 11.18
N GLU C 2 -8.24 14.22 11.00
CA GLU C 2 -9.28 13.41 11.61
C GLU C 2 -9.06 11.97 11.14
N LEU C 3 -9.24 10.99 12.02
CA LEU C 3 -8.94 9.59 11.68
C LEU C 3 -10.00 8.82 10.90
N ILE C 4 -9.62 8.30 9.73
CA ILE C 4 -10.53 7.49 8.92
C ILE C 4 -10.60 6.14 9.61
N GLY C 5 -11.81 5.64 9.86
CA GLY C 5 -11.94 4.37 10.56
C GLY C 5 -12.01 3.13 9.68
N THR C 6 -11.57 2.01 10.25
CA THR C 6 -11.56 0.72 9.56
C THR C 6 -12.59 -0.24 10.15
N LEU C 7 -13.25 -1.01 9.29
CA LEU C 7 -14.20 -2.01 9.76
C LEU C 7 -13.38 -3.30 9.72
N ASN C 8 -13.39 -4.07 10.81
CA ASN C 8 -12.62 -5.31 10.88
C ASN C 8 -13.19 -6.49 10.10
N ALA C 9 -12.30 -7.26 9.47
CA ALA C 9 -12.68 -8.43 8.70
C ALA C 9 -13.20 -9.55 9.60
N ALA C 10 -14.30 -10.18 9.18
CA ALA C 10 -14.88 -11.29 9.94
C ALA C 10 -14.21 -12.59 9.51
N LYS C 11 -13.89 -13.46 10.48
CA LYS C 11 -13.26 -14.73 10.17
C LYS C 11 -14.33 -15.75 9.77
N VAL C 12 -14.10 -16.44 8.66
CA VAL C 12 -15.04 -17.45 8.20
C VAL C 12 -14.95 -18.65 9.15
N PRO C 13 -16.01 -19.47 9.21
CA PRO C 13 -15.98 -20.64 10.10
C PRO C 13 -14.81 -21.56 9.74
N ALA C 14 -14.15 -22.11 10.75
CA ALA C 14 -13.01 -22.99 10.50
C ALA C 14 -13.35 -24.39 9.94
N ASP C 15 -12.35 -25.00 9.28
CA ASP C 15 -12.44 -26.33 8.67
C ASP C 15 -12.72 -27.43 9.69
N GLU D 1 30.87 3.38 0.31
CA GLU D 1 31.48 3.88 1.58
C GLU D 1 30.59 3.53 2.76
N SER D 2 31.14 3.61 3.97
CA SER D 2 30.36 3.30 5.16
C SER D 2 29.40 4.44 5.47
N GLN D 3 28.37 4.13 6.25
CA GLN D 3 27.37 5.11 6.64
C GLN D 3 27.99 6.23 7.51
N PRO D 4 27.69 7.49 7.17
CA PRO D 4 28.22 8.64 7.91
C PRO D 4 27.77 8.65 9.37
N ASP D 5 28.70 8.88 10.28
CA ASP D 5 28.36 8.93 11.71
C ASP D 5 27.31 10.00 11.94
N PRO D 6 26.50 9.82 12.99
CA PRO D 6 25.45 10.79 13.30
C PRO D 6 25.90 12.07 13.96
N MET D 7 25.24 13.16 13.60
CA MET D 7 25.50 14.47 14.18
C MET D 7 24.39 14.60 15.21
N PRO D 8 24.57 15.42 16.25
CA PRO D 8 23.54 15.60 17.28
C PRO D 8 22.12 15.67 16.73
N ASP D 9 21.91 16.55 15.75
CA ASP D 9 20.59 16.72 15.13
C ASP D 9 20.08 15.43 14.48
N ASP D 10 21.00 14.53 14.14
CA ASP D 10 20.65 13.27 13.50
C ASP D 10 20.13 12.21 14.49
N LEU D 11 20.20 12.51 15.78
CA LEU D 11 19.79 11.54 16.79
C LEU D 11 18.52 11.86 17.58
N HIS D 12 17.71 10.84 17.83
CA HIS D 12 16.48 11.01 18.60
C HIS D 12 16.86 11.40 20.03
N LYS D 13 16.08 12.30 20.62
CA LYS D 13 16.31 12.74 21.99
C LYS D 13 15.26 12.12 22.90
N SER D 14 15.69 11.51 24.01
CA SER D 14 14.74 10.91 24.92
C SER D 14 13.85 11.99 25.52
N SER D 15 14.39 13.21 25.61
CA SER D 15 13.63 14.32 26.17
C SER D 15 12.48 14.71 25.23
N GLU D 16 12.55 14.28 23.97
CA GLU D 16 11.49 14.60 23.02
C GLU D 16 10.50 13.43 22.92
N PHE D 17 10.78 12.38 23.67
CA PHE D 17 9.90 11.21 23.70
C PHE D 17 9.15 11.27 25.02
N THR D 18 7.83 11.37 24.94
CA THR D 18 7.01 11.48 26.15
C THR D 18 6.24 10.21 26.48
N GLY D 19 6.48 9.15 25.72
CA GLY D 19 5.81 7.90 25.98
C GLY D 19 6.46 7.16 27.13
N THR D 20 6.25 5.85 27.21
CA THR D 20 6.84 5.04 28.27
C THR D 20 8.07 4.31 27.76
N MET D 21 9.24 4.68 28.28
CA MET D 21 10.51 4.09 27.87
C MET D 21 10.53 2.59 28.19
N GLY D 22 9.66 2.17 29.11
CA GLY D 22 9.62 0.76 29.45
C GLY D 22 9.30 -0.08 28.22
N ASN D 23 8.67 0.52 27.22
CA ASN D 23 8.32 -0.22 26.02
C ASN D 23 9.53 -0.44 25.11
N MET D 24 10.58 0.34 25.34
CA MET D 24 11.82 0.19 24.58
C MET D 24 12.67 -0.81 25.37
N LYS D 25 12.70 -0.64 26.70
CA LYS D 25 13.47 -1.54 27.57
C LYS D 25 13.02 -2.97 27.35
N TYR D 26 11.71 -3.14 27.22
CA TYR D 26 11.09 -4.45 27.02
C TYR D 26 11.76 -5.25 25.89
N LEU D 27 12.04 -4.58 24.77
CA LEU D 27 12.66 -5.22 23.62
C LEU D 27 14.08 -5.73 23.82
N TYR D 28 14.76 -5.25 24.86
CA TYR D 28 16.14 -5.67 25.07
C TYR D 28 16.48 -6.30 26.41
N ASP D 29 15.58 -6.20 27.37
CA ASP D 29 15.80 -6.75 28.71
C ASP D 29 15.49 -8.25 28.77
N ASP D 30 16.54 -9.07 28.63
CA ASP D 30 16.39 -10.53 28.65
C ASP D 30 15.19 -10.90 27.79
N HIS D 31 15.20 -10.40 26.56
CA HIS D 31 14.12 -10.60 25.62
C HIS D 31 14.70 -10.94 24.25
N TYR D 32 14.32 -12.08 23.70
CA TYR D 32 14.81 -12.50 22.40
C TYR D 32 14.31 -13.86 21.98
N VAL D 33 14.33 -14.08 20.68
CA VAL D 33 13.94 -15.35 20.09
C VAL D 33 15.26 -15.98 19.67
N SER D 34 15.43 -17.26 19.97
CA SER D 34 16.63 -17.97 19.59
C SER D 34 16.30 -19.41 19.23
N ALA D 35 16.78 -19.84 18.07
CA ALA D 35 16.53 -21.20 17.61
C ALA D 35 17.76 -21.65 16.84
N THR D 36 18.03 -22.95 16.87
CA THR D 36 19.18 -23.50 16.17
C THR D 36 18.80 -24.65 15.25
N LYS D 37 19.33 -24.62 14.04
CA LYS D 37 19.09 -25.66 13.05
C LYS D 37 17.60 -25.84 12.76
N VAL D 38 17.01 -24.84 12.10
CA VAL D 38 15.60 -24.90 11.73
C VAL D 38 15.42 -24.44 10.29
N LYS D 39 14.25 -24.74 9.75
CA LYS D 39 13.93 -24.38 8.37
C LYS D 39 12.54 -23.77 8.36
N SER D 40 12.33 -22.74 7.54
CA SER D 40 11.03 -22.09 7.48
C SER D 40 9.97 -23.08 7.02
N VAL D 41 8.77 -22.93 7.54
CA VAL D 41 7.66 -23.81 7.19
C VAL D 41 6.52 -23.06 6.49
N ASP D 42 6.64 -21.74 6.42
CA ASP D 42 5.60 -20.94 5.79
C ASP D 42 6.12 -19.54 5.48
N SER D 43 5.24 -18.70 4.94
CA SER D 43 5.59 -17.33 4.60
C SER D 43 4.29 -16.57 4.42
N PHE D 44 4.16 -15.42 5.07
CA PHE D 44 2.96 -14.61 4.96
C PHE D 44 3.00 -13.78 3.69
N PHE D 45 3.95 -12.84 3.63
CA PHE D 45 4.15 -12.04 2.44
C PHE D 45 5.46 -12.57 1.87
N LYS D 46 5.77 -12.24 0.61
CA LYS D 46 6.98 -12.74 -0.03
C LYS D 46 8.32 -12.33 0.58
N TRP D 47 8.31 -11.36 1.48
CA TRP D 47 9.57 -10.92 2.08
C TRP D 47 9.79 -11.42 3.49
N ASP D 48 8.93 -12.33 3.96
CA ASP D 48 9.08 -12.86 5.30
C ASP D 48 9.09 -14.38 5.28
N LEU D 49 9.54 -14.95 6.39
CA LEU D 49 9.60 -16.39 6.54
C LEU D 49 9.06 -16.72 7.92
N ILE D 50 8.32 -17.82 8.02
CA ILE D 50 7.75 -18.26 9.28
C ILE D 50 8.42 -19.55 9.75
N TYR D 51 8.78 -19.57 11.03
CA TYR D 51 9.44 -20.74 11.62
C TYR D 51 8.66 -21.30 12.79
N ASN D 52 8.86 -22.59 13.03
CA ASN D 52 8.24 -23.25 14.18
C ASN D 52 9.30 -23.15 15.28
N ILE D 53 9.11 -22.21 16.19
CA ILE D 53 10.02 -21.99 17.30
C ILE D 53 9.16 -21.77 18.53
N SER D 54 9.36 -22.58 19.56
CA SER D 54 8.57 -22.44 20.77
C SER D 54 9.25 -21.65 21.87
N ASP D 55 8.43 -20.93 22.63
CA ASP D 55 8.91 -20.12 23.74
C ASP D 55 9.31 -21.04 24.89
N LYS D 56 10.59 -21.41 24.92
CA LYS D 56 11.09 -22.30 25.97
C LYS D 56 10.72 -21.72 27.32
N LYS D 57 10.93 -20.42 27.46
CA LYS D 57 10.66 -19.69 28.69
C LYS D 57 9.23 -19.87 29.21
N LEU D 58 8.32 -18.97 28.82
CA LEU D 58 6.94 -19.01 29.30
C LEU D 58 5.90 -19.54 28.32
N LYS D 59 6.32 -20.32 27.33
CA LYS D 59 5.38 -20.89 26.35
C LYS D 59 4.39 -19.83 25.82
N ASN D 60 4.90 -18.75 25.25
CA ASN D 60 4.03 -17.70 24.73
C ASN D 60 3.86 -17.71 23.20
N TYR D 61 4.50 -18.66 22.54
CA TYR D 61 4.39 -18.77 21.09
C TYR D 61 5.08 -20.02 20.59
N ASP D 62 4.66 -20.51 19.42
CA ASP D 62 5.28 -21.68 18.82
C ASP D 62 5.48 -21.40 17.34
N LYS D 63 5.12 -20.20 16.93
CA LYS D 63 5.26 -19.75 15.55
C LYS D 63 5.89 -18.35 15.56
N VAL D 64 6.94 -18.19 14.76
CA VAL D 64 7.63 -16.91 14.67
C VAL D 64 7.74 -16.46 13.22
N LYS D 65 7.30 -15.23 12.95
CA LYS D 65 7.43 -14.67 11.60
C LYS D 65 8.53 -13.62 11.63
N THR D 66 9.52 -13.73 10.75
CA THR D 66 10.54 -12.71 10.69
C THR D 66 10.45 -12.06 9.30
N GLU D 67 10.35 -10.73 9.28
CA GLU D 67 10.27 -9.99 8.03
C GLU D 67 11.64 -9.51 7.57
N LEU D 68 11.89 -9.66 6.26
CA LEU D 68 13.15 -9.26 5.66
C LEU D 68 12.99 -8.05 4.76
N LEU D 69 14.11 -7.41 4.42
CA LEU D 69 14.09 -6.21 3.59
C LEU D 69 13.43 -6.41 2.23
N ASN D 70 13.58 -7.59 1.64
CA ASN D 70 12.99 -7.85 0.33
C ASN D 70 12.80 -9.33 0.05
N GLU D 71 12.16 -9.61 -1.08
CA GLU D 71 11.87 -10.97 -1.52
C GLU D 71 13.10 -11.84 -1.73
N ASP D 72 14.14 -11.28 -2.35
CA ASP D 72 15.35 -12.05 -2.60
C ASP D 72 15.94 -12.60 -1.32
N LEU D 73 15.96 -11.77 -0.28
CA LEU D 73 16.50 -12.18 1.01
C LEU D 73 15.69 -13.35 1.55
N ALA D 74 14.37 -13.28 1.43
CA ALA D 74 13.50 -14.35 1.89
C ALA D 74 13.78 -15.62 1.06
N LYS D 75 13.88 -15.44 -0.25
CA LYS D 75 14.16 -16.56 -1.13
C LYS D 75 15.45 -17.25 -0.73
N LYS D 76 16.47 -16.44 -0.44
CA LYS D 76 17.78 -16.95 -0.04
C LYS D 76 17.72 -17.94 1.10
N TYR D 77 17.02 -17.60 2.17
CA TYR D 77 16.95 -18.48 3.33
C TYR D 77 15.75 -19.40 3.41
N LYS D 78 14.77 -19.20 2.53
CA LYS D 78 13.56 -20.03 2.54
C LYS D 78 13.87 -21.51 2.72
N ASP D 79 14.72 -22.04 1.86
CA ASP D 79 15.04 -23.45 1.93
C ASP D 79 16.38 -23.83 2.57
N GLU D 80 16.80 -23.09 3.59
CA GLU D 80 18.06 -23.39 4.26
C GLU D 80 17.90 -23.73 5.72
N VAL D 81 18.83 -24.53 6.25
CA VAL D 81 18.83 -24.88 7.67
C VAL D 81 19.51 -23.65 8.27
N VAL D 82 18.82 -22.96 9.18
CA VAL D 82 19.39 -21.75 9.75
C VAL D 82 19.27 -21.64 11.26
N ASP D 83 19.90 -20.61 11.80
CA ASP D 83 19.83 -20.30 13.21
C ASP D 83 19.10 -18.96 13.25
N VAL D 84 18.32 -18.73 14.30
CA VAL D 84 17.58 -17.49 14.42
C VAL D 84 17.86 -16.81 15.76
N TYR D 85 17.99 -15.49 15.73
CA TYR D 85 18.23 -14.72 16.94
C TYR D 85 17.78 -13.29 16.66
N GLY D 86 16.84 -12.81 17.47
CA GLY D 86 16.35 -11.46 17.30
C GLY D 86 15.41 -11.05 18.40
N SER D 87 15.01 -9.77 18.35
CA SER D 87 14.10 -9.20 19.32
C SER D 87 12.68 -9.23 18.74
N ASN D 88 11.78 -9.94 19.42
CA ASN D 88 10.41 -10.07 18.93
C ASN D 88 9.41 -9.09 19.53
N TYR D 89 8.29 -8.92 18.84
CA TYR D 89 7.23 -8.05 19.31
C TYR D 89 5.90 -8.78 19.16
N TYR D 90 4.88 -8.31 19.89
CA TYR D 90 3.56 -8.90 19.82
C TYR D 90 2.54 -7.86 19.34
N VAL D 91 2.69 -6.62 19.80
CA VAL D 91 1.80 -5.53 19.42
C VAL D 91 1.85 -5.31 17.91
N ASN D 92 0.72 -5.53 17.25
CA ASN D 92 0.64 -5.37 15.80
C ASN D 92 1.44 -6.43 15.04
N CYS D 93 1.58 -7.60 15.65
CA CYS D 93 2.23 -8.75 15.02
C CYS D 93 1.06 -9.46 14.38
N TYR D 94 1.06 -9.57 13.06
CA TYR D 94 -0.04 -10.21 12.36
C TYR D 94 0.40 -11.14 11.24
N PHE D 95 -0.24 -12.29 11.15
CA PHE D 95 -0.01 -13.24 10.08
C PHE D 95 -0.89 -14.47 10.25
N SER D 96 -1.30 -15.01 9.10
CA SER D 96 -2.18 -16.17 9.00
C SER D 96 -1.48 -17.49 9.36
N GLY D 106 -1.49 -22.56 19.25
CA GLY D 106 -0.18 -21.97 19.62
C GLY D 106 -0.11 -20.48 19.36
N GLY D 107 0.63 -19.77 20.21
CA GLY D 107 0.76 -18.33 20.07
C GLY D 107 1.72 -17.92 18.95
N LYS D 108 1.67 -16.65 18.58
CA LYS D 108 2.54 -16.13 17.53
C LYS D 108 3.28 -14.88 17.99
N THR D 109 4.47 -14.68 17.42
CA THR D 109 5.25 -13.50 17.72
C THR D 109 5.98 -13.14 16.43
N CYS D 110 6.40 -11.89 16.32
CA CYS D 110 7.05 -11.41 15.12
C CYS D 110 8.43 -10.79 15.37
N MET D 111 9.19 -10.59 14.29
CA MET D 111 10.52 -10.00 14.38
C MET D 111 11.01 -9.64 12.98
N TYR D 112 12.26 -9.18 12.90
CA TYR D 112 12.87 -8.83 11.61
C TYR D 112 14.27 -9.42 11.52
N GLY D 113 14.66 -9.83 10.31
CA GLY D 113 15.96 -10.40 10.09
C GLY D 113 16.33 -11.49 11.09
N GLY D 114 17.57 -11.45 11.59
CA GLY D 114 18.03 -12.42 12.57
C GLY D 114 18.33 -13.81 12.03
N ILE D 115 18.51 -13.91 10.72
CA ILE D 115 18.77 -15.20 10.09
C ILE D 115 20.21 -15.44 9.62
N THR D 116 20.77 -16.59 9.98
CA THR D 116 22.12 -16.95 9.54
C THR D 116 22.19 -18.45 9.21
N LYS D 117 22.84 -18.76 8.10
CA LYS D 117 22.99 -20.16 7.70
C LYS D 117 23.64 -20.93 8.83
N HIS D 118 23.14 -22.11 9.13
CA HIS D 118 23.69 -22.92 10.22
C HIS D 118 24.94 -23.70 9.81
N GLU D 119 24.92 -24.24 8.59
CA GLU D 119 26.03 -25.03 8.07
C GLU D 119 27.37 -24.32 8.11
N GLY D 120 28.31 -24.88 8.88
CA GLY D 120 29.64 -24.31 8.99
C GLY D 120 29.74 -22.88 9.48
N ASN D 121 28.95 -22.54 10.51
CA ASN D 121 28.96 -21.19 11.06
C ASN D 121 29.14 -21.25 12.56
N HIS D 122 29.52 -22.41 13.07
CA HIS D 122 29.71 -22.59 14.51
C HIS D 122 31.14 -22.96 14.88
N PHE D 123 31.43 -22.93 16.17
CA PHE D 123 32.78 -23.25 16.66
C PHE D 123 32.86 -24.67 17.17
N ASP D 124 33.71 -25.47 16.54
CA ASP D 124 33.85 -26.86 16.92
C ASP D 124 34.08 -27.11 18.40
N ASN D 125 32.94 -27.49 18.99
CA ASN D 125 32.71 -27.87 20.36
C ASN D 125 32.23 -26.84 21.38
N GLY D 126 31.17 -26.17 20.93
CA GLY D 126 30.47 -25.18 21.73
C GLY D 126 31.20 -23.97 22.24
N ASN D 127 32.36 -23.65 21.66
CA ASN D 127 33.09 -22.47 22.11
C ASN D 127 32.30 -21.23 21.69
N LEU D 128 32.60 -20.11 22.33
CA LEU D 128 31.93 -18.86 22.02
C LEU D 128 32.94 -17.78 21.68
N GLN D 129 32.58 -16.92 20.74
CA GLN D 129 33.47 -15.83 20.33
C GLN D 129 33.14 -14.54 21.07
N ASN D 130 34.15 -13.95 21.70
CA ASN D 130 33.96 -12.70 22.42
C ASN D 130 34.01 -11.54 21.43
N VAL D 131 33.21 -10.51 21.69
CA VAL D 131 33.17 -9.34 20.83
C VAL D 131 33.28 -8.09 21.71
N LEU D 132 34.27 -7.27 21.41
CA LEU D 132 34.50 -6.05 22.18
C LEU D 132 33.43 -4.98 22.02
N VAL D 133 33.05 -4.39 23.14
CA VAL D 133 32.09 -3.31 23.20
C VAL D 133 32.67 -2.23 24.10
N ARG D 134 32.92 -1.05 23.54
CA ARG D 134 33.43 0.04 24.34
C ARG D 134 32.32 1.07 24.46
N VAL D 135 32.00 1.45 25.69
CA VAL D 135 30.94 2.41 25.93
C VAL D 135 31.50 3.80 26.17
N TYR D 136 30.90 4.78 25.50
CA TYR D 136 31.31 6.16 25.62
C TYR D 136 30.15 7.00 26.15
N GLU D 137 30.43 7.82 27.16
CA GLU D 137 29.44 8.69 27.74
C GLU D 137 30.00 10.10 27.59
N ASN D 138 29.31 10.91 26.81
CA ASN D 138 29.74 12.28 26.53
C ASN D 138 31.17 12.29 25.96
N LYS D 139 31.38 11.43 24.96
CA LYS D 139 32.65 11.31 24.23
C LYS D 139 33.82 10.65 24.93
N ARG D 140 33.61 10.12 26.14
CA ARG D 140 34.69 9.47 26.85
C ARG D 140 34.37 8.02 27.18
N ASN D 141 35.30 7.13 26.88
CA ASN D 141 35.13 5.72 27.17
C ASN D 141 34.98 5.56 28.68
N THR D 142 33.84 5.06 29.14
CA THR D 142 33.58 4.89 30.56
C THR D 142 33.78 3.44 30.97
N ILE D 143 33.22 2.53 30.19
CA ILE D 143 33.36 1.11 30.48
C ILE D 143 33.54 0.34 29.19
N SER D 144 34.17 -0.82 29.30
CA SER D 144 34.41 -1.68 28.15
C SER D 144 34.12 -3.11 28.58
N PHE D 145 33.54 -3.89 27.69
CA PHE D 145 33.23 -5.27 27.99
C PHE D 145 33.09 -6.07 26.72
N GLU D 146 32.68 -7.32 26.85
CA GLU D 146 32.49 -8.18 25.70
C GLU D 146 31.17 -8.93 25.78
N VAL D 147 30.60 -9.19 24.60
CA VAL D 147 29.37 -9.95 24.50
C VAL D 147 29.87 -11.19 23.76
N GLN D 148 29.11 -12.27 23.77
CA GLN D 148 29.55 -13.48 23.08
C GLN D 148 28.49 -14.03 22.14
N THR D 149 28.96 -14.80 21.16
CA THR D 149 28.07 -15.43 20.19
C THR D 149 28.65 -16.78 19.80
N ASP D 150 27.78 -17.69 19.40
CA ASP D 150 28.19 -19.03 18.98
C ASP D 150 28.38 -19.07 17.47
N LYS D 151 28.25 -17.90 16.84
CA LYS D 151 28.34 -17.81 15.39
C LYS D 151 29.57 -17.09 14.87
N LYS D 152 30.12 -17.59 13.76
CA LYS D 152 31.30 -16.98 13.15
C LYS D 152 30.81 -15.73 12.43
N SER D 153 29.71 -15.89 11.69
CA SER D 153 29.09 -14.78 10.99
C SER D 153 27.76 -14.59 11.75
N VAL D 154 27.68 -13.51 12.52
CA VAL D 154 26.51 -13.23 13.34
C VAL D 154 25.78 -11.95 12.90
N THR D 155 24.46 -11.90 13.12
CA THR D 155 23.72 -10.71 12.73
C THR D 155 24.09 -9.59 13.69
N ALA D 156 24.16 -8.38 13.17
CA ALA D 156 24.46 -7.22 14.01
C ALA D 156 23.35 -7.14 15.06
N GLN D 157 22.15 -7.55 14.68
CA GLN D 157 21.01 -7.52 15.60
C GLN D 157 21.33 -8.30 16.88
N GLU D 158 21.85 -9.52 16.73
CA GLU D 158 22.15 -10.34 17.90
C GLU D 158 23.13 -9.66 18.86
N LEU D 159 24.21 -9.11 18.31
CA LEU D 159 25.20 -8.43 19.13
C LEU D 159 24.61 -7.19 19.81
N ASP D 160 23.81 -6.43 19.05
CA ASP D 160 23.19 -5.21 19.56
C ASP D 160 22.34 -5.57 20.78
N ILE D 161 21.48 -6.55 20.62
CA ILE D 161 20.62 -7.00 21.70
C ILE D 161 21.42 -7.36 22.96
N LYS D 162 22.49 -8.13 22.79
CA LYS D 162 23.31 -8.54 23.93
C LYS D 162 24.00 -7.35 24.59
N ALA D 163 24.40 -6.37 23.78
CA ALA D 163 25.05 -5.18 24.33
C ALA D 163 24.05 -4.40 25.18
N ARG D 164 22.87 -4.13 24.61
CA ARG D 164 21.85 -3.37 25.33
C ARG D 164 21.34 -4.09 26.56
N ASN D 165 21.26 -5.42 26.49
CA ASN D 165 20.79 -6.18 27.65
C ASN D 165 21.76 -5.88 28.78
N PHE D 166 23.05 -5.96 28.48
CA PHE D 166 24.10 -5.70 29.46
C PHE D 166 24.00 -4.31 30.05
N LEU D 167 23.91 -3.31 29.18
CA LEU D 167 23.83 -1.92 29.61
C LEU D 167 22.56 -1.56 30.38
N ILE D 168 21.47 -2.29 30.11
CA ILE D 168 20.22 -2.05 30.84
C ILE D 168 20.44 -2.41 32.30
N ASN D 169 21.07 -3.56 32.53
CA ASN D 169 21.33 -4.04 33.87
C ASN D 169 22.45 -3.29 34.59
N LYS D 170 23.47 -2.88 33.87
CA LYS D 170 24.58 -2.20 34.51
C LYS D 170 24.70 -0.70 34.38
N LYS D 171 23.90 -0.08 33.52
CA LYS D 171 23.94 1.37 33.35
C LYS D 171 22.53 1.94 33.22
N ASN D 172 21.53 1.11 33.51
CA ASN D 172 20.14 1.54 33.42
C ASN D 172 19.89 2.26 32.09
N LEU D 173 20.40 1.69 31.01
CA LEU D 173 20.24 2.28 29.68
C LEU D 173 18.81 2.74 29.46
N TYR D 174 17.85 1.89 29.86
CA TYR D 174 16.44 2.19 29.74
C TYR D 174 15.77 1.86 31.06
N GLU D 175 14.82 2.69 31.48
CA GLU D 175 14.07 2.47 32.70
C GLU D 175 12.58 2.54 32.36
N PHE D 176 11.70 2.31 33.33
CA PHE D 176 10.26 2.35 33.04
C PHE D 176 9.87 3.63 32.32
N ASN D 177 10.14 4.77 32.93
CA ASN D 177 9.84 6.03 32.29
C ASN D 177 11.14 6.81 32.09
N SER D 178 11.53 6.94 30.83
CA SER D 178 12.75 7.64 30.41
C SER D 178 14.07 6.90 30.66
N SER D 179 15.15 7.56 30.27
CA SER D 179 16.50 7.02 30.40
C SER D 179 17.45 8.08 30.93
N PRO D 180 18.57 7.64 31.54
CA PRO D 180 19.56 8.58 32.08
C PRO D 180 20.24 9.31 30.94
N TYR D 181 20.12 8.76 29.73
CA TYR D 181 20.77 9.35 28.56
C TYR D 181 19.84 10.06 27.61
N GLU D 182 20.35 11.14 27.01
CA GLU D 182 19.59 11.94 26.05
C GLU D 182 19.64 11.32 24.65
N THR D 183 20.85 10.98 24.20
CA THR D 183 21.02 10.36 22.89
C THR D 183 21.85 9.10 23.01
N GLY D 184 21.75 8.23 22.02
CA GLY D 184 22.52 7.01 22.06
C GLY D 184 22.49 6.29 20.74
N TYR D 185 23.65 5.86 20.29
CA TYR D 185 23.71 5.10 19.06
C TYR D 185 24.76 4.02 19.23
N ILE D 186 24.54 2.89 18.58
CA ILE D 186 25.49 1.80 18.66
C ILE D 186 26.09 1.67 17.27
N LYS D 187 27.42 1.75 17.22
CA LYS D 187 28.16 1.69 15.97
C LYS D 187 28.99 0.42 15.85
N PHE D 188 28.96 -0.16 14.65
CA PHE D 188 29.73 -1.37 14.36
C PHE D 188 30.86 -1.00 13.42
N ILE D 189 32.04 -1.55 13.68
CA ILE D 189 33.20 -1.28 12.85
C ILE D 189 33.71 -2.63 12.35
N GLU D 190 33.54 -2.87 11.04
CA GLU D 190 33.97 -4.13 10.44
C GLU D 190 35.47 -4.05 10.09
N ASN D 191 36.12 -5.21 10.07
CA ASN D 191 37.55 -5.29 9.81
C ASN D 191 38.02 -4.75 8.45
N ASN D 192 37.07 -4.33 7.62
CA ASN D 192 37.41 -3.78 6.31
C ASN D 192 37.18 -2.28 6.32
N GLY D 193 36.97 -1.74 7.51
CA GLY D 193 36.75 -0.31 7.64
C GLY D 193 35.30 0.15 7.51
N ASN D 194 34.41 -0.73 7.09
CA ASN D 194 33.03 -0.34 6.95
C ASN D 194 32.35 -0.18 8.30
N THR D 195 31.61 0.91 8.47
CA THR D 195 30.89 1.18 9.70
C THR D 195 29.43 1.53 9.43
N PHE D 196 28.59 1.31 10.43
CA PHE D 196 27.17 1.62 10.36
C PHE D 196 26.71 1.71 11.80
N TRP D 197 25.59 2.36 12.03
CA TRP D 197 25.08 2.52 13.39
C TRP D 197 23.56 2.52 13.46
N TYR D 198 23.03 2.31 14.66
CA TYR D 198 21.60 2.31 14.89
C TYR D 198 21.30 3.31 16.01
N ASP D 199 20.18 4.02 15.90
CA ASP D 199 19.79 4.97 16.94
C ASP D 199 19.21 4.12 18.06
N MET D 200 19.67 4.34 19.28
CA MET D 200 19.21 3.56 20.42
C MET D 200 18.02 4.16 21.15
N MET D 201 17.62 5.36 20.78
CA MET D 201 16.49 6.04 21.41
C MET D 201 15.25 6.05 20.52
N PRO D 202 14.06 6.06 21.14
CA PRO D 202 12.78 6.07 20.41
C PRO D 202 12.50 7.40 19.68
N ALA D 203 11.72 7.33 18.61
CA ALA D 203 11.36 8.53 17.87
C ALA D 203 10.58 9.46 18.80
N PRO D 204 10.60 10.77 18.49
CA PRO D 204 9.87 11.75 19.32
C PRO D 204 8.37 11.53 19.25
N GLY D 205 7.67 11.95 20.31
CA GLY D 205 6.23 11.79 20.34
C GLY D 205 5.81 11.17 21.65
N ASP D 206 4.53 10.81 21.75
CA ASP D 206 4.02 10.23 22.99
C ASP D 206 3.78 8.72 22.90
N LYS D 207 4.27 8.09 21.85
CA LYS D 207 4.09 6.65 21.70
C LYS D 207 5.30 6.03 21.03
N PHE D 208 5.58 4.78 21.38
CA PHE D 208 6.72 4.07 20.79
C PHE D 208 6.19 2.90 19.96
N ASP D 209 6.50 2.91 18.68
CA ASP D 209 6.07 1.85 17.78
C ASP D 209 7.17 0.79 17.74
N GLN D 210 7.04 -0.26 18.56
CA GLN D 210 8.06 -1.30 18.61
C GLN D 210 8.34 -1.91 17.24
N SER D 211 7.28 -2.32 16.55
CA SER D 211 7.40 -2.94 15.24
C SER D 211 8.19 -2.07 14.27
N LYS D 212 7.79 -0.80 14.18
CA LYS D 212 8.43 0.15 13.28
C LYS D 212 9.91 0.36 13.66
N TYR D 213 10.21 0.33 14.94
CA TYR D 213 11.58 0.49 15.41
C TYR D 213 12.44 -0.70 15.01
N LEU D 214 11.95 -1.91 15.31
CA LEU D 214 12.68 -3.14 15.00
C LEU D 214 12.86 -3.41 13.52
N MET D 215 12.05 -2.76 12.68
CA MET D 215 12.15 -2.95 11.24
C MET D 215 13.56 -2.67 10.72
N MET D 216 14.32 -1.88 11.47
CA MET D 216 15.68 -1.53 11.05
C MET D 216 16.58 -2.77 10.92
N TYR D 217 16.23 -3.84 11.63
CA TYR D 217 17.01 -5.08 11.56
C TYR D 217 16.64 -5.85 10.30
N ASN D 218 15.86 -5.18 9.47
CA ASN D 218 15.35 -5.64 8.19
C ASN D 218 16.36 -6.27 7.25
N ASP D 219 17.48 -5.58 7.08
CA ASP D 219 18.53 -6.00 6.17
C ASP D 219 19.23 -7.29 6.53
N ASN D 220 18.99 -7.80 7.73
CA ASN D 220 19.62 -9.04 8.17
C ASN D 220 21.16 -8.92 8.09
N LYS D 221 21.65 -7.70 8.30
CA LYS D 221 23.09 -7.41 8.26
C LYS D 221 23.88 -8.34 9.18
N THR D 222 24.90 -9.01 8.63
CA THR D 222 25.74 -9.89 9.43
C THR D 222 27.20 -9.38 9.42
N VAL D 223 27.96 -9.75 10.44
CA VAL D 223 29.36 -9.34 10.55
C VAL D 223 30.20 -10.49 11.09
N ASP D 224 31.51 -10.41 10.87
CA ASP D 224 32.42 -11.44 11.35
C ASP D 224 32.67 -11.23 12.85
N SER D 225 32.15 -12.13 13.67
CA SER D 225 32.29 -12.02 15.13
C SER D 225 33.73 -11.93 15.65
N LYS D 226 34.64 -12.66 15.02
CA LYS D 226 36.02 -12.64 15.48
C LYS D 226 36.79 -11.35 15.21
N SER D 227 36.28 -10.51 14.30
CA SER D 227 37.00 -9.27 13.96
C SER D 227 36.24 -7.95 14.15
N VAL D 228 34.91 -8.01 14.23
CA VAL D 228 34.11 -6.79 14.37
C VAL D 228 34.29 -6.16 15.74
N LYS D 229 34.12 -4.84 15.80
CA LYS D 229 34.23 -4.09 17.05
C LYS D 229 32.97 -3.26 17.23
N ILE D 230 32.56 -3.08 18.47
CA ILE D 230 31.35 -2.32 18.77
C ILE D 230 31.60 -1.12 19.65
N GLU D 231 30.94 -0.02 19.32
CA GLU D 231 31.05 1.22 20.08
C GLU D 231 29.67 1.77 20.39
N VAL D 232 29.38 1.95 21.67
CA VAL D 232 28.11 2.51 22.09
C VAL D 232 28.40 3.92 22.56
N HIS D 233 27.84 4.90 21.85
CA HIS D 233 28.04 6.30 22.21
C HIS D 233 26.80 6.91 22.82
N LEU D 234 26.89 7.27 24.09
CA LEU D 234 25.77 7.85 24.82
C LEU D 234 26.09 9.27 25.28
N THR D 235 25.05 10.07 25.54
CA THR D 235 25.22 11.42 26.04
C THR D 235 24.15 11.69 27.08
N THR D 236 24.49 12.48 28.10
CA THR D 236 23.53 12.85 29.13
C THR D 236 23.02 14.21 28.68
N LYS D 237 21.79 14.56 29.03
CA LYS D 237 21.23 15.83 28.59
C LYS D 237 22.11 17.05 28.83
N ASN D 238 22.72 17.11 30.01
CA ASN D 238 23.58 18.23 30.35
C ASN D 238 25.07 17.90 30.22
N GLY D 239 25.47 16.77 30.78
CA GLY D 239 26.87 16.37 30.71
C GLY D 239 27.32 15.75 32.03
#